data_8P61
#
_entry.id   8P61
#
_cell.length_a   89.650
_cell.length_b   112.130
_cell.length_c   67.100
_cell.angle_alpha   90.000
_cell.angle_beta   89.970
_cell.angle_gamma   90.000
#
_symmetry.space_group_name_H-M   'C 1 2 1'
#
loop_
_entity.id
_entity.type
_entity.pdbx_description
1 polymer 'Capsid protein'
2 non-polymer GLYCEROL
3 non-polymer 'SULFATE ION'
4 water water
#
_entity_poly.entity_id   1
_entity_poly.type   'polypeptide(L)'
_entity_poly.pdbx_seq_one_letter_code
;SGMKIENDCIFEVRHEGKVTGYACLVGDKVMKPAHVKGTIDNADLAKLAFKRSSKYDLECAQIPVHMKSDASKFTHEKPE
GYYNWHHGAVQYSGGRFTIPTGAGKPGDSGRPIFDNKGRVVAIVLGGANEGTRTALSVVTWNKDIVTKITPEG
;
_entity_poly.pdbx_strand_id   A,B,C,D
#
loop_
_chem_comp.id
_chem_comp.type
_chem_comp.name
_chem_comp.formula
GOL non-polymer GLYCEROL 'C3 H8 O3'
SO4 non-polymer 'SULFATE ION' 'O4 S -2'
#
# COMPACT_ATOMS: atom_id res chain seq x y z
N GLU A 6 -1.44 20.28 14.55
CA GLU A 6 -1.99 19.15 13.75
C GLU A 6 -1.55 17.82 14.38
N ASN A 7 -1.79 17.69 15.69
CA ASN A 7 -1.52 16.50 16.49
C ASN A 7 -2.79 16.05 17.22
N ASP A 8 -3.92 16.16 16.50
CA ASP A 8 -5.19 15.53 16.83
C ASP A 8 -5.12 14.04 16.50
N CYS A 9 -4.02 13.60 15.85
CA CYS A 9 -3.85 12.26 15.37
C CYS A 9 -2.84 11.46 16.19
N ILE A 10 -2.30 12.01 17.29
CA ILE A 10 -1.28 11.36 18.09
C ILE A 10 -1.85 11.21 19.50
N PHE A 11 -1.81 10.00 20.05
CA PHE A 11 -2.35 9.71 21.36
C PHE A 11 -1.29 9.01 22.21
N GLU A 12 -1.17 9.42 23.48
CA GLU A 12 -0.24 8.84 24.42
C GLU A 12 -0.63 7.39 24.71
N VAL A 13 0.38 6.52 24.84
CA VAL A 13 0.20 5.21 25.43
C VAL A 13 0.82 5.28 26.82
N ARG A 14 0.12 4.71 27.82
CA ARG A 14 0.49 4.89 29.23
C ARG A 14 0.48 3.53 29.94
N HIS A 15 1.51 3.30 30.75
CA HIS A 15 1.68 2.12 31.59
C HIS A 15 2.19 2.61 32.94
N GLU A 16 1.55 2.18 34.04
CA GLU A 16 1.88 2.62 35.39
C GLU A 16 1.88 4.15 35.46
N GLY A 17 0.98 4.86 34.78
CA GLY A 17 0.93 6.32 34.86
C GLY A 17 2.08 7.05 34.15
N LYS A 18 2.85 6.35 33.31
CA LYS A 18 3.98 6.91 32.57
C LYS A 18 3.69 6.77 31.08
N VAL A 19 4.02 7.80 30.29
CA VAL A 19 3.95 7.72 28.83
C VAL A 19 5.07 6.80 28.33
N THR A 20 4.71 5.65 27.72
CA THR A 20 5.68 4.72 27.15
C THR A 20 5.91 4.94 25.64
N GLY A 21 5.09 5.77 24.99
CA GLY A 21 5.06 5.87 23.54
C GLY A 21 3.74 6.45 23.05
N TYR A 22 3.56 6.43 21.72
CA TYR A 22 2.46 7.10 21.04
C TYR A 22 1.77 6.20 20.03
N ALA A 23 0.45 6.38 19.92
CA ALA A 23 -0.35 5.82 18.86
C ALA A 23 -0.72 6.98 17.94
N CYS A 24 -0.89 6.62 16.66
CA CYS A 24 -0.99 7.54 15.57
C CYS A 24 -2.15 7.14 14.64
N LEU A 25 -3.03 8.11 14.32
CA LEU A 25 -4.12 7.92 13.37
C LEU A 25 -3.59 8.33 12.01
N VAL A 26 -3.50 7.37 11.10
CA VAL A 26 -2.89 7.63 9.80
C VAL A 26 -3.59 6.76 8.77
N GLY A 27 -4.03 7.41 7.68
CA GLY A 27 -4.86 6.74 6.69
C GLY A 27 -6.18 6.31 7.31
N ASP A 28 -6.42 4.99 7.38
CA ASP A 28 -7.62 4.43 7.98
C ASP A 28 -7.26 3.55 9.20
N LYS A 29 -6.08 3.76 9.80
CA LYS A 29 -5.57 2.89 10.86
C LYS A 29 -5.16 3.71 12.07
N VAL A 30 -5.34 3.08 13.24
CA VAL A 30 -4.67 3.48 14.46
C VAL A 30 -3.41 2.64 14.54
N MET A 31 -2.24 3.28 14.56
CA MET A 31 -0.98 2.53 14.54
C MET A 31 -0.21 2.79 15.82
N LYS A 32 0.42 1.73 16.31
CA LYS A 32 1.19 1.77 17.54
C LYS A 32 2.34 0.78 17.41
N PRO A 33 3.59 1.09 17.82
CA PRO A 33 4.65 0.07 17.84
C PRO A 33 4.25 -1.05 18.80
N ALA A 34 4.49 -2.30 18.42
CA ALA A 34 4.06 -3.44 19.23
C ALA A 34 4.82 -3.52 20.56
N HIS A 35 6.06 -3.04 20.62
CA HIS A 35 6.86 -3.09 21.84
C HIS A 35 6.38 -2.10 22.92
N VAL A 36 5.62 -1.06 22.56
CA VAL A 36 5.20 -0.04 23.51
C VAL A 36 4.10 -0.61 24.42
N LYS A 37 4.41 -0.78 25.71
CA LYS A 37 3.48 -1.36 26.68
C LYS A 37 2.44 -0.32 27.12
N GLY A 38 1.26 -0.81 27.52
CA GLY A 38 0.24 0.01 28.17
C GLY A 38 -0.96 0.21 27.26
N THR A 39 -1.79 1.20 27.56
CA THR A 39 -3.04 1.42 26.87
C THR A 39 -3.12 2.88 26.45
N ILE A 40 -3.87 3.09 25.37
CA ILE A 40 -3.91 4.38 24.71
C ILE A 40 -4.76 5.27 25.59
N ASP A 41 -4.34 6.53 25.75
CA ASP A 41 -5.04 7.52 26.55
C ASP A 41 -6.23 8.06 25.74
N ASN A 42 -7.15 7.17 25.36
CA ASN A 42 -8.39 7.57 24.70
C ASN A 42 -9.38 6.41 24.75
N ALA A 43 -10.58 6.67 25.31
CA ALA A 43 -11.62 5.67 25.53
C ALA A 43 -11.95 4.85 24.27
N ASP A 44 -12.14 5.61 23.17
CA ASP A 44 -12.56 5.04 21.90
C ASP A 44 -11.49 4.09 21.38
N LEU A 45 -10.21 4.50 21.47
CA LEU A 45 -9.11 3.75 20.89
C LEU A 45 -8.73 2.55 21.75
N ALA A 46 -8.83 2.70 23.09
CA ALA A 46 -8.52 1.65 24.03
C ALA A 46 -9.40 0.41 23.83
N LYS A 47 -10.66 0.60 23.42
CA LYS A 47 -11.61 -0.48 23.20
C LYS A 47 -11.26 -1.33 21.97
N LEU A 48 -10.43 -0.83 21.04
CA LEU A 48 -10.28 -1.49 19.73
C LEU A 48 -9.46 -2.76 19.89
N ALA A 49 -9.69 -3.70 18.98
CA ALA A 49 -8.84 -4.88 18.84
C ALA A 49 -7.70 -4.52 17.87
N PHE A 50 -6.45 -4.78 18.25
CA PHE A 50 -5.30 -4.50 17.42
C PHE A 50 -4.76 -5.80 16.84
N LYS A 51 -4.33 -5.74 15.58
CA LYS A 51 -3.68 -6.84 14.90
C LYS A 51 -2.19 -6.54 14.92
N ARG A 52 -1.39 -7.48 15.46
CA ARG A 52 0.06 -7.35 15.52
CA ARG A 52 0.06 -7.36 15.53
C ARG A 52 0.65 -7.95 14.26
N SER A 53 1.56 -7.21 13.61
CA SER A 53 2.28 -7.71 12.45
C SER A 53 3.22 -8.83 12.89
N SER A 54 3.25 -9.95 12.13
CA SER A 54 4.10 -11.09 12.45
C SER A 54 5.51 -10.92 11.86
N LYS A 55 5.75 -9.84 11.09
CA LYS A 55 7.09 -9.48 10.59
C LYS A 55 7.63 -8.22 11.28
N TYR A 56 6.79 -7.18 11.49
CA TYR A 56 7.23 -5.84 11.87
C TYR A 56 6.76 -5.51 13.28
N ASP A 57 7.43 -4.53 13.92
CA ASP A 57 7.18 -4.15 15.31
C ASP A 57 6.04 -3.12 15.30
N LEU A 58 4.83 -3.59 14.98
CA LEU A 58 3.72 -2.70 14.74
C LEU A 58 2.41 -3.42 15.01
N GLU A 59 1.45 -2.70 15.55
CA GLU A 59 0.09 -3.21 15.59
C GLU A 59 -0.85 -2.09 15.19
N CYS A 60 -1.98 -2.52 14.59
CA CYS A 60 -2.91 -1.61 13.97
C CYS A 60 -4.34 -2.09 14.22
N ALA A 61 -5.22 -1.11 14.35
CA ALA A 61 -6.65 -1.32 14.42
C ALA A 61 -7.31 -0.39 13.42
N GLN A 62 -8.50 -0.78 12.97
CA GLN A 62 -9.28 0.03 12.05
C GLN A 62 -9.73 1.28 12.79
N ILE A 63 -9.51 2.45 12.19
CA ILE A 63 -9.93 3.70 12.81
C ILE A 63 -11.45 3.70 12.99
N PRO A 64 -11.99 4.09 14.16
CA PRO A 64 -13.42 4.38 14.29
C PRO A 64 -13.84 5.46 13.30
N VAL A 65 -14.99 5.24 12.64
CA VAL A 65 -15.41 6.05 11.51
C VAL A 65 -15.66 7.50 11.97
N HIS A 66 -16.07 7.69 13.24
CA HIS A 66 -16.30 9.02 13.78
C HIS A 66 -15.01 9.82 13.98
N MET A 67 -13.82 9.18 13.91
CA MET A 67 -12.53 9.82 14.08
C MET A 67 -11.74 9.89 12.77
N LYS A 68 -12.34 9.55 11.62
CA LYS A 68 -11.62 9.56 10.34
C LYS A 68 -11.10 10.96 10.01
N SER A 69 -11.84 12.01 10.32
CA SER A 69 -11.44 13.39 10.08
C SER A 69 -10.22 13.83 10.91
N ASP A 70 -9.90 13.12 11.99
CA ASP A 70 -8.70 13.38 12.78
C ASP A 70 -7.46 12.70 12.20
N ALA A 71 -7.61 11.68 11.35
CA ALA A 71 -6.47 10.92 10.84
C ALA A 71 -5.59 11.85 10.02
N SER A 72 -4.27 11.69 10.13
CA SER A 72 -3.36 12.37 9.22
C SER A 72 -3.32 11.62 7.89
N LYS A 73 -3.11 12.42 6.85
CA LYS A 73 -2.72 11.92 5.54
C LYS A 73 -1.31 11.37 5.63
N PHE A 74 -0.96 10.48 4.71
CA PHE A 74 0.39 9.92 4.59
C PHE A 74 0.80 9.95 3.14
N THR A 75 2.09 9.71 2.87
CA THR A 75 2.59 9.61 1.51
C THR A 75 3.81 8.70 1.47
N HIS A 76 4.04 8.08 0.32
CA HIS A 76 5.25 7.36 0.03
C HIS A 76 6.29 8.26 -0.60
N GLU A 77 5.93 9.50 -0.97
CA GLU A 77 6.87 10.45 -1.55
C GLU A 77 7.76 11.04 -0.45
N LYS A 78 9.04 10.66 -0.49
CA LYS A 78 10.04 11.07 0.49
C LYS A 78 11.28 11.57 -0.27
N PRO A 79 11.22 12.74 -0.94
CA PRO A 79 12.44 13.36 -1.47
C PRO A 79 13.45 13.68 -0.35
N GLU A 80 14.74 13.61 -0.67
CA GLU A 80 15.80 13.87 0.28
C GLU A 80 15.73 15.31 0.76
N GLY A 81 16.06 15.52 2.05
CA GLY A 81 15.97 16.83 2.67
C GLY A 81 15.52 16.71 4.13
N TYR A 82 14.83 17.73 4.62
CA TYR A 82 14.45 17.83 6.01
C TYR A 82 12.95 17.66 6.15
N TYR A 83 12.56 16.98 7.24
CA TYR A 83 11.21 16.65 7.62
C TYR A 83 11.00 17.16 9.05
N ASN A 84 9.77 17.04 9.56
CA ASN A 84 9.36 17.61 10.83
C ASN A 84 9.01 16.49 11.79
N TRP A 85 9.47 16.63 13.04
CA TRP A 85 8.84 15.89 14.13
C TRP A 85 8.85 16.73 15.40
N HIS A 86 8.33 16.13 16.48
CA HIS A 86 8.12 16.78 17.77
C HIS A 86 9.38 17.50 18.25
N HIS A 87 10.54 16.89 18.11
CA HIS A 87 11.81 17.43 18.60
C HIS A 87 12.54 18.32 17.58
N GLY A 88 11.93 18.67 16.42
CA GLY A 88 12.53 19.55 15.43
C GLY A 88 12.76 18.86 14.07
N ALA A 89 13.92 19.08 13.46
CA ALA A 89 14.22 18.66 12.10
C ALA A 89 14.74 17.22 12.06
N VAL A 90 14.26 16.45 11.06
CA VAL A 90 14.72 15.11 10.74
C VAL A 90 15.25 15.14 9.31
N GLN A 91 16.49 14.73 9.13
CA GLN A 91 17.11 14.68 7.83
C GLN A 91 16.75 13.34 7.22
N TYR A 92 16.39 13.33 5.94
CA TYR A 92 16.24 12.11 5.16
C TYR A 92 17.28 12.14 4.04
N SER A 93 18.09 11.09 4.00
CA SER A 93 19.26 11.05 3.15
C SER A 93 19.75 9.61 3.09
N GLY A 94 20.11 9.15 1.87
CA GLY A 94 20.52 7.77 1.65
C GLY A 94 19.52 6.74 2.18
N GLY A 95 18.21 7.05 2.12
CA GLY A 95 17.18 6.13 2.56
C GLY A 95 17.05 5.98 4.08
N ARG A 96 17.64 6.91 4.85
CA ARG A 96 17.65 6.83 6.30
C ARG A 96 17.24 8.19 6.87
N PHE A 97 16.39 8.18 7.91
CA PHE A 97 16.08 9.36 8.70
C PHE A 97 17.10 9.49 9.84
N THR A 98 17.66 10.68 10.04
CA THR A 98 18.54 10.91 11.17
C THR A 98 18.18 12.21 11.90
N ILE A 99 18.59 12.29 13.17
CA ILE A 99 18.43 13.47 14.00
C ILE A 99 19.77 13.75 14.69
N PRO A 100 19.97 14.96 15.24
CA PRO A 100 21.08 15.21 16.17
C PRO A 100 20.97 14.24 17.35
N THR A 101 22.10 13.59 17.69
CA THR A 101 22.17 12.76 18.89
C THR A 101 21.70 13.60 20.09
N GLY A 102 20.86 13.01 20.95
CA GLY A 102 20.39 13.79 22.07
C GLY A 102 19.14 14.63 21.77
N ALA A 103 18.67 14.74 20.52
CA ALA A 103 17.36 15.33 20.25
C ALA A 103 16.22 14.43 20.74
N GLY A 104 16.48 13.11 20.81
CA GLY A 104 15.49 12.14 21.26
C GLY A 104 15.17 12.32 22.75
N LYS A 105 13.98 11.89 23.18
CA LYS A 105 13.56 11.93 24.57
C LYS A 105 12.90 10.59 24.89
N PRO A 106 12.74 10.21 26.18
CA PRO A 106 11.97 9.01 26.54
C PRO A 106 10.54 9.11 25.99
N GLY A 107 10.03 7.97 25.50
CA GLY A 107 8.68 7.85 24.99
C GLY A 107 8.49 8.23 23.51
N ASP A 108 9.57 8.24 22.69
CA ASP A 108 9.49 8.68 21.30
C ASP A 108 8.94 7.60 20.37
N SER A 109 8.92 6.32 20.79
CA SER A 109 8.33 5.27 20.00
C SER A 109 6.90 5.61 19.61
N GLY A 110 6.64 5.60 18.29
CA GLY A 110 5.32 5.82 17.73
C GLY A 110 5.10 7.27 17.25
N ARG A 111 6.05 8.16 17.52
CA ARG A 111 5.95 9.53 17.02
C ARG A 111 6.09 9.54 15.51
N PRO A 112 5.22 10.25 14.78
CA PRO A 112 5.34 10.38 13.34
C PRO A 112 6.31 11.48 12.92
N ILE A 113 6.78 11.32 11.69
CA ILE A 113 7.58 12.31 10.99
C ILE A 113 6.73 12.82 9.84
N PHE A 114 6.69 14.15 9.65
CA PHE A 114 5.80 14.79 8.71
C PHE A 114 6.62 15.59 7.69
N ASP A 115 6.08 15.70 6.46
CA ASP A 115 6.52 16.72 5.52
C ASP A 115 5.84 18.05 5.85
N ASN A 116 6.21 19.10 5.10
CA ASN A 116 5.69 20.44 5.33
C ASN A 116 4.22 20.61 4.94
N LYS A 117 3.64 19.67 4.17
CA LYS A 117 2.19 19.66 3.91
C LYS A 117 1.43 18.93 5.02
N GLY A 118 2.16 18.35 6.00
CA GLY A 118 1.54 17.69 7.13
C GLY A 118 1.17 16.25 6.82
N ARG A 119 1.81 15.66 5.82
CA ARG A 119 1.62 14.25 5.56
C ARG A 119 2.66 13.47 6.35
N VAL A 120 2.25 12.35 6.94
CA VAL A 120 3.15 11.48 7.64
C VAL A 120 3.97 10.71 6.60
N VAL A 121 5.30 10.75 6.74
CA VAL A 121 6.20 10.01 5.87
C VAL A 121 6.82 8.80 6.59
N ALA A 122 6.80 8.77 7.94
CA ALA A 122 7.29 7.62 8.69
C ALA A 122 6.80 7.67 10.12
N ILE A 123 6.85 6.52 10.80
CA ILE A 123 6.61 6.43 12.23
C ILE A 123 7.92 5.91 12.86
N VAL A 124 8.37 6.54 13.95
CA VAL A 124 9.59 6.20 14.66
C VAL A 124 9.34 4.99 15.55
N LEU A 125 10.19 3.97 15.39
CA LEU A 125 10.18 2.82 16.27
C LEU A 125 11.34 2.89 17.28
N GLY A 126 12.47 3.46 16.86
CA GLY A 126 13.69 3.33 17.64
C GLY A 126 14.81 4.17 17.06
N GLY A 127 16.03 3.86 17.50
CA GLY A 127 17.21 4.54 16.96
C GLY A 127 18.48 3.79 17.30
N ALA A 128 19.56 4.18 16.62
CA ALA A 128 20.90 3.73 16.88
C ALA A 128 21.82 4.93 16.68
N ASN A 129 22.92 4.95 17.40
CA ASN A 129 23.89 6.01 17.32
C ASN A 129 24.70 5.81 16.04
N GLU A 130 24.92 6.91 15.32
CA GLU A 130 26.00 7.02 14.35
C GLU A 130 26.68 8.36 14.61
N GLY A 131 27.62 8.36 15.57
CA GLY A 131 28.46 9.52 15.78
C GLY A 131 27.64 10.64 16.42
N THR A 132 27.67 11.83 15.80
CA THR A 132 26.91 12.96 16.29
C THR A 132 25.43 12.90 15.90
N ARG A 133 24.98 11.79 15.28
CA ARG A 133 23.59 11.63 14.88
C ARG A 133 23.03 10.32 15.41
N THR A 134 21.71 10.31 15.60
CA THR A 134 20.95 9.09 15.75
C THR A 134 20.32 8.75 14.40
N ALA A 135 20.50 7.51 13.96
CA ALA A 135 19.76 6.98 12.82
C ALA A 135 18.48 6.36 13.35
N LEU A 136 17.32 6.91 12.96
CA LEU A 136 16.03 6.41 13.41
C LEU A 136 15.73 5.10 12.72
N SER A 137 15.28 4.14 13.51
CA SER A 137 14.54 2.99 13.03
C SER A 137 13.07 3.42 12.86
N VAL A 138 12.52 3.27 11.65
CA VAL A 138 11.17 3.72 11.31
C VAL A 138 10.39 2.60 10.61
N VAL A 139 9.06 2.79 10.52
CA VAL A 139 8.25 2.22 9.46
C VAL A 139 7.86 3.33 8.50
N THR A 140 7.83 3.00 7.20
CA THR A 140 7.57 3.97 6.15
C THR A 140 6.81 3.27 5.03
N TRP A 141 6.41 4.05 4.02
CA TRP A 141 5.66 3.56 2.86
C TRP A 141 6.47 3.81 1.62
N ASN A 142 6.80 2.76 0.88
CA ASN A 142 7.58 2.88 -0.36
C ASN A 142 6.67 2.65 -1.57
N LYS A 143 7.28 2.62 -2.77
CA LYS A 143 6.56 2.46 -4.03
C LYS A 143 5.81 1.13 -4.09
N ASP A 144 6.30 0.11 -3.39
CA ASP A 144 5.66 -1.20 -3.34
C ASP A 144 4.26 -1.22 -2.70
N ILE A 145 3.79 -0.12 -2.12
CA ILE A 145 2.41 -0.02 -1.67
C ILE A 145 1.47 -0.04 -2.88
N VAL A 146 2.01 0.10 -4.10
CA VAL A 146 1.25 -0.03 -5.33
C VAL A 146 0.56 -1.38 -5.45
N THR A 147 1.06 -2.44 -4.81
CA THR A 147 0.46 -3.76 -4.86
C THR A 147 -0.85 -3.89 -4.08
N LYS A 148 -1.14 -3.00 -3.12
CA LYS A 148 -2.35 -3.10 -2.30
C LYS A 148 -3.51 -2.39 -3.01
N ILE A 149 -4.02 -3.02 -4.07
CA ILE A 149 -5.07 -2.45 -4.90
C ILE A 149 -6.45 -2.82 -4.35
N THR A 150 -7.43 -1.96 -4.67
CA THR A 150 -8.82 -2.25 -4.44
C THR A 150 -9.59 -2.14 -5.76
N PRO A 151 -10.44 -3.12 -6.11
CA PRO A 151 -11.33 -2.99 -7.26
C PRO A 151 -12.50 -2.10 -6.87
N GLU A 152 -12.81 -1.10 -7.71
CA GLU A 152 -13.98 -0.24 -7.58
C GLU A 152 -14.80 -0.35 -8.86
N GLY A 153 -16.13 -0.52 -8.71
CA GLY A 153 -17.05 -0.58 -9.84
C GLY A 153 -16.98 -1.92 -10.56
N GLU B 6 3.66 11.39 -19.93
CA GLU B 6 2.75 10.46 -19.21
C GLU B 6 2.26 9.33 -20.11
N ASN B 7 2.92 9.04 -21.26
CA ASN B 7 2.67 7.83 -22.03
C ASN B 7 3.97 7.06 -22.26
N ASP B 8 5.07 7.39 -21.53
CA ASP B 8 6.29 6.59 -21.52
C ASP B 8 6.09 5.37 -20.62
N CYS B 9 4.97 5.36 -19.87
CA CYS B 9 4.69 4.34 -18.88
C CYS B 9 3.58 3.39 -19.31
N ILE B 10 3.09 3.49 -20.55
CA ILE B 10 1.99 2.68 -21.04
C ILE B 10 2.52 1.91 -22.24
N PHE B 11 2.33 0.58 -22.25
CA PHE B 11 2.81 -0.27 -23.32
C PHE B 11 1.65 -1.13 -23.84
N GLU B 12 1.56 -1.26 -25.17
CA GLU B 12 0.55 -2.10 -25.80
C GLU B 12 0.78 -3.56 -25.47
N VAL B 13 -0.32 -4.29 -25.25
CA VAL B 13 -0.29 -5.76 -25.25
C VAL B 13 -0.94 -6.20 -26.55
N ARG B 14 -0.32 -7.20 -27.22
CA ARG B 14 -0.73 -7.62 -28.55
C ARG B 14 -0.90 -9.13 -28.60
N HIS B 15 -1.99 -9.57 -29.26
CA HIS B 15 -2.28 -10.97 -29.52
C HIS B 15 -2.75 -11.06 -30.97
N GLU B 16 -2.17 -11.98 -31.75
CA GLU B 16 -2.33 -12.13 -33.20
C GLU B 16 -2.41 -10.78 -33.90
N GLY B 17 -1.45 -9.90 -33.62
CA GLY B 17 -1.32 -8.64 -34.35
C GLY B 17 -2.37 -7.59 -33.98
N LYS B 18 -3.14 -7.79 -32.91
CA LYS B 18 -4.17 -6.86 -32.46
C LYS B 18 -3.80 -6.36 -31.06
N VAL B 19 -3.99 -5.06 -30.79
CA VAL B 19 -3.88 -4.51 -29.45
C VAL B 19 -5.06 -5.01 -28.62
N THR B 20 -4.81 -5.81 -27.57
CA THR B 20 -5.86 -6.31 -26.68
C THR B 20 -6.02 -5.46 -25.42
N GLY B 21 -5.08 -4.53 -25.15
CA GLY B 21 -5.00 -3.84 -23.88
C GLY B 21 -3.61 -3.23 -23.67
N TYR B 22 -3.41 -2.71 -22.45
CA TYR B 22 -2.23 -1.95 -22.08
C TYR B 22 -1.65 -2.45 -20.77
N ALA B 23 -0.31 -2.41 -20.72
CA ALA B 23 0.46 -2.56 -19.49
C ALA B 23 0.96 -1.18 -19.12
N CYS B 24 1.12 -0.99 -17.80
CA CYS B 24 1.35 0.30 -17.19
CA CYS B 24 1.38 0.31 -17.23
C CYS B 24 2.48 0.18 -16.17
N LEU B 25 3.49 1.09 -16.26
CA LEU B 25 4.55 1.18 -15.27
C LEU B 25 4.09 2.18 -14.21
N VAL B 26 3.92 1.71 -13.00
CA VAL B 26 3.38 2.54 -11.94
CA VAL B 26 3.36 2.53 -11.94
C VAL B 26 4.02 2.11 -10.64
N GLY B 27 4.58 3.09 -9.92
CA GLY B 27 5.37 2.81 -8.74
C GLY B 27 6.61 2.02 -9.09
N ASP B 28 6.69 0.77 -8.58
CA ASP B 28 7.80 -0.13 -8.88
C ASP B 28 7.30 -1.39 -9.61
N LYS B 29 6.12 -1.32 -10.26
CA LYS B 29 5.51 -2.47 -10.87
C LYS B 29 5.16 -2.19 -12.34
N VAL B 30 5.25 -3.24 -13.13
CA VAL B 30 4.57 -3.32 -14.41
C VAL B 30 3.23 -3.99 -14.16
N MET B 31 2.14 -3.28 -14.45
CA MET B 31 0.81 -3.81 -14.16
C MET B 31 0.04 -4.02 -15.45
N LYS B 32 -0.74 -5.09 -15.46
CA LYS B 32 -1.52 -5.49 -16.62
C LYS B 32 -2.78 -6.19 -16.13
N PRO B 33 -3.99 -5.94 -16.65
CA PRO B 33 -5.15 -6.77 -16.30
C PRO B 33 -4.90 -8.21 -16.70
N ALA B 34 -5.26 -9.17 -15.85
CA ALA B 34 -4.99 -10.57 -16.12
C ALA B 34 -5.78 -11.10 -17.32
N HIS B 35 -6.99 -10.56 -17.59
CA HIS B 35 -7.81 -11.01 -18.70
C HIS B 35 -7.24 -10.60 -20.07
N VAL B 36 -6.36 -9.61 -20.15
CA VAL B 36 -5.84 -9.13 -21.43
C VAL B 36 -4.83 -10.15 -21.98
N LYS B 37 -5.18 -10.81 -23.10
CA LYS B 37 -4.33 -11.83 -23.69
C LYS B 37 -3.19 -11.20 -24.48
N GLY B 38 -2.08 -11.95 -24.61
CA GLY B 38 -1.01 -11.61 -25.52
C GLY B 38 0.24 -11.19 -24.77
N THR B 39 1.15 -10.51 -25.45
CA THR B 39 2.45 -10.19 -24.90
C THR B 39 2.71 -8.71 -25.15
N ILE B 40 3.49 -8.13 -24.23
CA ILE B 40 3.69 -6.70 -24.18
C ILE B 40 4.60 -6.34 -25.35
N ASP B 41 4.30 -5.23 -26.02
CA ASP B 41 5.09 -4.74 -27.14
C ASP B 41 6.32 -4.03 -26.58
N ASN B 42 7.16 -4.77 -25.84
CA ASN B 42 8.43 -4.27 -25.35
C ASN B 42 9.27 -5.46 -24.89
N ALA B 43 10.47 -5.61 -25.47
CA ALA B 43 11.34 -6.76 -25.25
C ALA B 43 11.66 -6.98 -23.77
N ASP B 44 11.99 -5.87 -23.10
CA ASP B 44 12.38 -5.87 -21.70
C ASP B 44 11.24 -6.37 -20.83
N LEU B 45 10.01 -5.89 -21.09
CA LEU B 45 8.86 -6.22 -20.26
C LEU B 45 8.34 -7.63 -20.55
N ALA B 46 8.40 -8.05 -21.83
CA ALA B 46 7.91 -9.36 -22.26
C ALA B 46 8.64 -10.51 -21.56
N LYS B 47 9.93 -10.32 -21.25
CA LYS B 47 10.78 -11.32 -20.61
C LYS B 47 10.39 -11.54 -19.14
N LEU B 48 9.68 -10.60 -18.50
CA LEU B 48 9.50 -10.62 -17.05
C LEU B 48 8.55 -11.72 -16.65
N ALA B 49 8.70 -12.20 -15.41
CA ALA B 49 7.74 -13.12 -14.81
C ALA B 49 6.64 -12.29 -14.14
N PHE B 50 5.37 -12.55 -14.46
CA PHE B 50 4.26 -11.83 -13.85
C PHE B 50 3.58 -12.72 -12.82
N LYS B 51 3.21 -12.10 -11.70
CA LYS B 51 2.46 -12.77 -10.65
C LYS B 51 1.02 -12.33 -10.81
N ARG B 52 0.10 -13.32 -10.95
CA ARG B 52 -1.32 -13.06 -11.09
C ARG B 52 -1.95 -13.04 -9.70
N SER B 53 -2.75 -11.99 -9.42
CA SER B 53 -3.51 -11.91 -8.18
C SER B 53 -4.57 -13.01 -8.17
N SER B 54 -4.69 -13.72 -7.04
CA SER B 54 -5.66 -14.80 -6.90
C SER B 54 -7.03 -14.27 -6.45
N LYS B 55 -7.15 -12.95 -6.17
CA LYS B 55 -8.45 -12.30 -5.91
C LYS B 55 -8.86 -11.36 -7.04
N TYR B 56 -7.92 -10.58 -7.61
CA TYR B 56 -8.22 -9.47 -8.51
C TYR B 56 -7.76 -9.79 -9.94
N ASP B 57 -8.33 -9.06 -10.91
CA ASP B 57 -8.06 -9.26 -12.33
C ASP B 57 -6.81 -8.46 -12.70
N LEU B 58 -5.66 -8.92 -12.20
CA LEU B 58 -4.44 -8.14 -12.31
C LEU B 58 -3.23 -9.06 -12.25
N GLU B 59 -2.22 -8.72 -13.03
CA GLU B 59 -0.92 -9.32 -12.81
C GLU B 59 0.16 -8.26 -12.89
N CYS B 60 1.25 -8.53 -12.14
CA CYS B 60 2.29 -7.55 -11.91
C CYS B 60 3.66 -8.24 -11.91
N ALA B 61 4.63 -7.50 -12.41
CA ALA B 61 6.03 -7.88 -12.36
C ALA B 61 6.81 -6.70 -11.80
N GLN B 62 7.97 -7.01 -11.22
CA GLN B 62 8.86 -5.99 -10.70
C GLN B 62 9.42 -5.22 -11.89
N ILE B 63 9.35 -3.89 -11.83
CA ILE B 63 9.88 -3.07 -12.90
C ILE B 63 11.39 -3.31 -13.00
N PRO B 64 11.97 -3.50 -14.22
CA PRO B 64 13.43 -3.44 -14.40
C PRO B 64 13.97 -2.11 -13.94
N VAL B 65 15.11 -2.16 -13.23
CA VAL B 65 15.65 -0.99 -12.54
C VAL B 65 16.03 0.08 -13.56
N HIS B 66 16.44 -0.32 -14.77
CA HIS B 66 16.80 0.64 -15.81
C HIS B 66 15.60 1.41 -16.38
N MET B 67 14.35 0.99 -16.08
CA MET B 67 13.14 1.64 -16.54
C MET B 67 12.38 2.33 -15.42
N LYS B 68 12.96 2.46 -14.21
CA LYS B 68 12.28 3.06 -13.07
C LYS B 68 11.94 4.51 -13.36
N SER B 69 12.80 5.24 -14.08
CA SER B 69 12.57 6.64 -14.46
C SER B 69 11.37 6.82 -15.39
N ASP B 70 10.92 5.77 -16.08
CA ASP B 70 9.72 5.82 -16.91
C ASP B 70 8.43 5.61 -16.11
N ALA B 71 8.50 5.03 -14.91
CA ALA B 71 7.29 4.67 -14.16
C ALA B 71 6.54 5.94 -13.79
N SER B 72 5.21 5.91 -13.87
CA SER B 72 4.40 7.01 -13.35
C SER B 72 4.32 6.89 -11.81
N LYS B 73 4.25 8.06 -11.18
CA LYS B 73 3.84 8.20 -9.81
C LYS B 73 2.36 7.86 -9.71
N PHE B 74 1.94 7.44 -8.51
CA PHE B 74 0.56 7.13 -8.21
C PHE B 74 0.20 7.80 -6.89
N THR B 75 -1.11 7.86 -6.60
CA THR B 75 -1.57 8.39 -5.32
C THR B 75 -2.89 7.72 -4.94
N HIS B 76 -3.15 7.63 -3.64
CA HIS B 76 -4.44 7.21 -3.14
C HIS B 76 -5.38 8.41 -3.01
N GLU B 77 -4.88 9.64 -3.17
CA GLU B 77 -5.66 10.86 -3.05
C GLU B 77 -6.52 11.07 -4.31
N LYS B 78 -7.83 10.89 -4.15
CA LYS B 78 -8.81 10.95 -5.23
C LYS B 78 -9.98 11.84 -4.79
N PRO B 79 -9.79 13.18 -4.64
CA PRO B 79 -10.94 14.07 -4.41
C PRO B 79 -11.93 14.03 -5.58
N GLU B 80 -13.21 14.25 -5.29
CA GLU B 80 -14.27 14.26 -6.30
C GLU B 80 -14.02 15.34 -7.35
N GLY B 81 -14.35 15.01 -8.60
CA GLY B 81 -14.15 15.91 -9.73
C GLY B 81 -13.74 15.16 -10.99
N TYR B 82 -12.96 15.81 -11.84
CA TYR B 82 -12.59 15.26 -13.14
C TYR B 82 -11.12 14.88 -13.14
N TYR B 83 -10.84 13.76 -13.84
CA TYR B 83 -9.53 13.16 -14.02
C TYR B 83 -9.30 13.00 -15.53
N ASN B 84 -8.10 12.57 -15.90
CA ASN B 84 -7.65 12.49 -17.28
C ASN B 84 -7.46 11.06 -17.69
N TRP B 85 -7.91 10.69 -18.90
CA TRP B 85 -7.42 9.52 -19.57
C TRP B 85 -7.35 9.76 -21.07
N HIS B 86 -6.93 8.71 -21.80
CA HIS B 86 -6.68 8.77 -23.24
C HIS B 86 -7.86 9.36 -24.00
N HIS B 87 -9.09 8.98 -23.64
CA HIS B 87 -10.30 9.42 -24.34
C HIS B 87 -10.90 10.72 -23.80
N GLY B 88 -10.22 11.44 -22.87
CA GLY B 88 -10.67 12.71 -22.34
C GLY B 88 -10.97 12.66 -20.83
N ALA B 89 -12.10 13.22 -20.41
CA ALA B 89 -12.41 13.46 -19.01
C ALA B 89 -13.09 12.24 -18.38
N VAL B 90 -12.69 11.92 -17.14
CA VAL B 90 -13.28 10.87 -16.31
C VAL B 90 -13.77 11.54 -15.03
N GLN B 91 -15.05 11.38 -14.73
CA GLN B 91 -15.63 11.95 -13.54
C GLN B 91 -15.41 10.96 -12.42
N TYR B 92 -15.03 11.46 -11.23
CA TYR B 92 -14.98 10.66 -10.02
C TYR B 92 -15.97 11.26 -9.02
N SER B 93 -16.89 10.43 -8.57
CA SER B 93 -18.04 10.90 -7.80
C SER B 93 -18.68 9.68 -7.16
N GLY B 94 -19.04 9.81 -5.88
CA GLY B 94 -19.62 8.71 -5.12
C GLY B 94 -18.81 7.42 -5.18
N GLY B 95 -17.47 7.54 -5.21
CA GLY B 95 -16.59 6.40 -5.22
C GLY B 95 -16.52 5.64 -6.55
N ARG B 96 -17.00 6.25 -7.65
CA ARG B 96 -17.08 5.60 -8.94
C ARG B 96 -16.50 6.54 -10.00
N PHE B 97 -15.68 5.99 -10.91
CA PHE B 97 -15.24 6.68 -12.11
C PHE B 97 -16.25 6.43 -13.23
N THR B 98 -16.67 7.48 -13.93
CA THR B 98 -17.56 7.33 -15.06
C THR B 98 -17.08 8.15 -16.26
N ILE B 99 -17.52 7.74 -17.45
CA ILE B 99 -17.25 8.44 -18.69
C ILE B 99 -18.55 8.58 -19.46
N PRO B 100 -18.62 9.47 -20.48
CA PRO B 100 -19.72 9.43 -21.45
C PRO B 100 -19.76 8.05 -22.11
N THR B 101 -20.96 7.45 -22.20
CA THR B 101 -21.14 6.22 -22.94
C THR B 101 -20.62 6.44 -24.37
N GLY B 102 -19.88 5.49 -24.91
CA GLY B 102 -19.36 5.73 -26.25
C GLY B 102 -18.01 6.45 -26.28
N ALA B 103 -17.49 6.97 -25.17
CA ALA B 103 -16.09 7.40 -25.10
C ALA B 103 -15.12 6.22 -25.19
N GLY B 104 -15.54 5.04 -24.75
CA GLY B 104 -14.68 3.86 -24.71
C GLY B 104 -14.37 3.36 -26.11
N LYS B 105 -13.22 2.68 -26.29
CA LYS B 105 -12.81 2.11 -27.55
C LYS B 105 -12.30 0.69 -27.29
N PRO B 106 -12.18 -0.16 -28.34
CA PRO B 106 -11.54 -1.47 -28.18
C PRO B 106 -10.11 -1.31 -27.66
N GLY B 107 -9.71 -2.20 -26.74
CA GLY B 107 -8.39 -2.25 -26.15
C GLY B 107 -8.16 -1.33 -24.95
N ASP B 108 -9.21 -0.85 -24.24
CA ASP B 108 -9.03 0.13 -23.17
C ASP B 108 -8.60 -0.50 -21.84
N SER B 109 -8.76 -1.82 -21.67
CA SER B 109 -8.26 -2.52 -20.51
C SER B 109 -6.79 -2.21 -20.27
N GLY B 110 -6.48 -1.72 -19.06
CA GLY B 110 -5.15 -1.44 -18.60
C GLY B 110 -4.76 0.03 -18.76
N ARG B 111 -5.60 0.85 -19.39
CA ARG B 111 -5.33 2.27 -19.50
C ARG B 111 -5.43 2.92 -18.11
N PRO B 112 -4.46 3.77 -17.74
CA PRO B 112 -4.53 4.51 -16.49
C PRO B 112 -5.37 5.77 -16.58
N ILE B 113 -5.83 6.18 -15.40
CA ILE B 113 -6.50 7.46 -15.19
C ILE B 113 -5.57 8.30 -14.33
N PHE B 114 -5.38 9.57 -14.71
CA PHE B 114 -4.42 10.44 -14.09
C PHE B 114 -5.11 11.68 -13.52
N ASP B 115 -4.53 12.25 -12.45
CA ASP B 115 -4.82 13.61 -12.02
C ASP B 115 -4.02 14.60 -12.86
N ASN B 116 -4.25 15.90 -12.62
CA ASN B 116 -3.58 16.96 -13.37
C ASN B 116 -2.08 17.09 -13.07
N LYS B 117 -1.59 16.50 -11.97
CA LYS B 117 -0.16 16.44 -11.68
CA LYS B 117 -0.17 16.44 -11.67
C LYS B 117 0.49 15.24 -12.37
N GLY B 118 -0.32 14.39 -13.04
CA GLY B 118 0.18 13.26 -13.77
C GLY B 118 0.37 12.02 -12.89
N ARG B 119 -0.30 11.99 -11.73
CA ARG B 119 -0.25 10.80 -10.92
C ARG B 119 -1.39 9.87 -11.32
N VAL B 120 -1.11 8.58 -11.37
CA VAL B 120 -2.11 7.58 -11.67
C VAL B 120 -2.99 7.41 -10.44
N VAL B 121 -4.32 7.53 -10.64
CA VAL B 121 -5.28 7.33 -9.56
C VAL B 121 -6.03 6.00 -9.73
N ALA B 122 -6.06 5.42 -10.94
CA ALA B 122 -6.70 4.12 -11.15
C ALA B 122 -6.23 3.53 -12.48
N ILE B 123 -6.42 2.21 -12.61
CA ILE B 123 -6.24 1.50 -13.86
C ILE B 123 -7.60 0.93 -14.25
N VAL B 124 -8.00 1.10 -15.51
CA VAL B 124 -9.28 0.64 -16.05
C VAL B 124 -9.18 -0.85 -16.36
N LEU B 125 -10.12 -1.62 -15.82
CA LEU B 125 -10.28 -3.02 -16.18
C LEU B 125 -11.45 -3.22 -17.15
N GLY B 126 -12.51 -2.41 -17.02
CA GLY B 126 -13.75 -2.71 -17.72
C GLY B 126 -14.76 -1.59 -17.55
N GLY B 127 -16.00 -1.87 -17.91
CA GLY B 127 -17.09 -0.94 -17.68
C GLY B 127 -18.44 -1.65 -17.72
N ALA B 128 -19.46 -0.91 -17.28
CA ALA B 128 -20.85 -1.29 -17.42
C ALA B 128 -21.64 -0.01 -17.70
N ASN B 129 -22.76 -0.17 -18.40
CA ASN B 129 -23.59 0.94 -18.78
C ASN B 129 -24.35 1.42 -17.55
N GLU B 130 -24.42 2.74 -17.36
CA GLU B 130 -25.45 3.36 -16.53
C GLU B 130 -26.01 4.53 -17.35
N GLY B 131 -26.98 4.23 -18.22
CA GLY B 131 -27.68 5.27 -18.96
C GLY B 131 -26.77 5.92 -19.99
N THR B 132 -26.64 7.24 -19.94
CA THR B 132 -25.78 7.98 -20.84
C THR B 132 -24.32 7.96 -20.40
N ARG B 133 -23.97 7.19 -19.34
CA ARG B 133 -22.61 7.04 -18.89
C ARG B 133 -22.21 5.57 -18.79
N THR B 134 -20.89 5.34 -18.90
CA THR B 134 -20.29 4.07 -18.53
C THR B 134 -19.67 4.24 -17.14
N ALA B 135 -19.99 3.32 -16.24
CA ALA B 135 -19.29 3.21 -14.97
C ALA B 135 -18.10 2.29 -15.16
N LEU B 136 -16.88 2.83 -14.98
CA LEU B 136 -15.67 2.06 -15.16
C LEU B 136 -15.49 1.10 -13.99
N SER B 137 -15.14 -0.13 -14.33
CA SER B 137 -14.51 -1.05 -13.39
C SER B 137 -13.01 -0.74 -13.37
N VAL B 138 -12.46 -0.41 -12.17
CA VAL B 138 -11.06 -0.03 -12.02
C VAL B 138 -10.40 -0.82 -10.87
N VAL B 139 -9.07 -0.78 -10.84
CA VAL B 139 -8.28 -0.97 -9.64
C VAL B 139 -7.72 0.39 -9.22
N THR B 140 -7.68 0.62 -7.92
CA THR B 140 -7.30 1.90 -7.34
C THR B 140 -6.62 1.64 -6.00
N TRP B 141 -6.08 2.71 -5.42
CA TRP B 141 -5.37 2.64 -4.14
C TRP B 141 -6.13 3.48 -3.12
N ASN B 142 -6.57 2.88 -2.02
CA ASN B 142 -7.28 3.58 -0.96
C ASN B 142 -6.38 3.77 0.26
N LYS B 143 -6.95 4.28 1.36
CA LYS B 143 -6.22 4.60 2.58
C LYS B 143 -5.61 3.35 3.22
N ASP B 144 -6.22 2.20 3.03
CA ASP B 144 -5.74 0.91 3.52
C ASP B 144 -4.37 0.48 2.97
N ILE B 145 -3.80 1.18 1.98
CA ILE B 145 -2.42 0.93 1.57
C ILE B 145 -1.46 1.32 2.69
N VAL B 146 -1.95 2.04 3.72
CA VAL B 146 -1.18 2.36 4.91
C VAL B 146 -0.63 1.11 5.60
N THR B 147 -1.27 -0.06 5.44
CA THR B 147 -0.84 -1.28 6.10
C THR B 147 0.41 -1.87 5.46
N LYS B 148 0.75 -1.54 4.20
CA LYS B 148 1.92 -2.10 3.53
C LYS B 148 3.18 -1.28 3.87
N ILE B 149 3.66 -1.46 5.11
CA ILE B 149 4.79 -0.72 5.64
C ILE B 149 6.11 -1.42 5.31
N THR B 150 7.18 -0.62 5.26
CA THR B 150 8.53 -1.15 5.22
C THR B 150 9.33 -0.58 6.40
N PRO B 151 10.08 -1.41 7.16
CA PRO B 151 11.01 -0.89 8.16
C PRO B 151 12.27 -0.39 7.45
N GLU B 152 12.71 0.84 7.76
CA GLU B 152 13.97 1.42 7.31
C GLU B 152 14.78 1.79 8.55
N GLY B 153 16.07 1.40 8.59
CA GLY B 153 16.91 1.49 9.77
C GLY B 153 16.50 0.51 10.87
N GLU C 6 -23.31 10.40 0.11
CA GLU C 6 -23.66 9.79 1.42
C GLU C 6 -23.80 8.26 1.22
N ASN C 7 -22.71 7.64 0.74
CA ASN C 7 -22.61 6.21 0.48
C ASN C 7 -21.35 5.66 1.16
N ASP C 8 -21.16 6.09 2.42
CA ASP C 8 -20.24 5.48 3.38
C ASP C 8 -20.93 4.26 3.99
N CYS C 9 -22.20 4.03 3.62
CA CYS C 9 -23.02 2.98 4.17
C CYS C 9 -23.36 1.92 3.12
N ILE C 10 -22.82 1.99 1.89
CA ILE C 10 -23.13 1.04 0.83
C ILE C 10 -21.82 0.39 0.38
N PHE C 11 -21.77 -0.95 0.31
CA PHE C 11 -20.53 -1.68 0.04
C PHE C 11 -20.74 -2.72 -1.05
N GLU C 12 -19.81 -2.78 -2.02
CA GLU C 12 -19.93 -3.67 -3.16
C GLU C 12 -19.78 -5.13 -2.73
N VAL C 13 -20.58 -6.02 -3.32
CA VAL C 13 -20.38 -7.46 -3.24
C VAL C 13 -19.84 -7.91 -4.60
N ARG C 14 -18.86 -8.81 -4.61
CA ARG C 14 -18.22 -9.28 -5.83
C ARG C 14 -18.15 -10.79 -5.89
N HIS C 15 -18.30 -11.31 -7.11
CA HIS C 15 -18.13 -12.70 -7.45
C HIS C 15 -17.49 -12.73 -8.84
N GLU C 16 -16.41 -13.53 -9.01
CA GLU C 16 -15.73 -13.67 -10.30
C GLU C 16 -15.33 -12.28 -10.82
N GLY C 17 -14.87 -11.39 -9.94
CA GLY C 17 -14.41 -10.07 -10.35
C GLY C 17 -15.50 -9.10 -10.77
N LYS C 18 -16.78 -9.44 -10.59
CA LYS C 18 -17.90 -8.62 -11.03
C LYS C 18 -18.71 -8.20 -9.80
N VAL C 19 -19.17 -6.94 -9.77
CA VAL C 19 -20.12 -6.49 -8.77
C VAL C 19 -21.46 -7.17 -9.01
N THR C 20 -21.91 -8.02 -8.07
CA THR C 20 -23.18 -8.71 -8.14
C THR C 20 -24.30 -8.00 -7.36
N GLY C 21 -23.95 -6.97 -6.56
CA GLY C 21 -24.87 -6.38 -5.62
C GLY C 21 -24.16 -5.57 -4.55
N TYR C 22 -24.96 -5.11 -3.57
CA TYR C 22 -24.52 -4.20 -2.53
C TYR C 22 -24.98 -4.70 -1.16
N ALA C 23 -24.12 -4.45 -0.18
CA ALA C 23 -24.47 -4.50 1.22
C ALA C 23 -24.60 -3.06 1.72
N CYS C 24 -25.36 -2.92 2.81
CA CYS C 24 -25.86 -1.65 3.29
CA CYS C 24 -25.81 -1.63 3.29
C CYS C 24 -25.78 -1.63 4.83
N LEU C 25 -25.24 -0.54 5.41
CA LEU C 25 -25.23 -0.37 6.86
C LEU C 25 -26.51 0.37 7.24
N VAL C 26 -27.37 -0.26 8.01
CA VAL C 26 -28.65 0.34 8.35
C VAL C 26 -29.04 -0.11 9.76
N GLY C 27 -29.43 0.85 10.61
CA GLY C 27 -29.69 0.57 12.01
C GLY C 27 -28.40 0.12 12.70
N ASP C 28 -28.37 -1.13 13.21
CA ASP C 28 -27.17 -1.72 13.79
C ASP C 28 -26.73 -2.97 13.01
N LYS C 29 -27.14 -3.06 11.74
CA LYS C 29 -26.89 -4.24 10.92
C LYS C 29 -26.19 -3.86 9.62
N VAL C 30 -25.38 -4.80 9.14
CA VAL C 30 -24.97 -4.84 7.74
C VAL C 30 -25.98 -5.73 7.04
N MET C 31 -26.70 -5.19 6.05
CA MET C 31 -27.73 -5.94 5.37
C MET C 31 -27.37 -6.18 3.92
N LYS C 32 -27.74 -7.37 3.42
CA LYS C 32 -27.41 -7.80 2.08
C LYS C 32 -28.51 -8.74 1.62
N PRO C 33 -29.03 -8.67 0.38
CA PRO C 33 -29.92 -9.71 -0.12
C PRO C 33 -29.22 -11.06 -0.14
N ALA C 34 -29.92 -12.11 0.28
CA ALA C 34 -29.35 -13.45 0.35
C ALA C 34 -29.00 -14.03 -1.02
N HIS C 35 -29.73 -13.64 -2.09
CA HIS C 35 -29.51 -14.18 -3.42
C HIS C 35 -28.22 -13.64 -4.06
N VAL C 36 -27.67 -12.52 -3.56
CA VAL C 36 -26.49 -11.91 -4.15
C VAL C 36 -25.25 -12.76 -3.84
N LYS C 37 -24.66 -13.33 -4.89
CA LYS C 37 -23.50 -14.20 -4.82
C LYS C 37 -22.25 -13.38 -4.54
N GLY C 38 -21.29 -13.99 -3.83
CA GLY C 38 -19.96 -13.45 -3.64
C GLY C 38 -19.77 -12.88 -2.24
N THR C 39 -18.74 -12.05 -2.08
CA THR C 39 -18.36 -11.54 -0.78
C THR C 39 -18.16 -10.04 -0.89
N ILE C 40 -18.33 -9.36 0.22
CA ILE C 40 -18.14 -7.93 0.32
C ILE C 40 -16.64 -7.66 0.15
N ASP C 41 -16.29 -6.64 -0.63
CA ASP C 41 -14.91 -6.32 -0.93
C ASP C 41 -14.21 -5.77 0.30
N ASN C 42 -14.82 -4.77 0.95
CA ASN C 42 -14.34 -4.17 2.18
C ASN C 42 -13.96 -5.23 3.23
N ALA C 43 -12.69 -5.17 3.66
CA ALA C 43 -12.08 -6.17 4.51
C ALA C 43 -12.81 -6.30 5.86
N ASP C 44 -13.26 -5.18 6.42
CA ASP C 44 -13.95 -5.18 7.71
C ASP C 44 -15.22 -6.01 7.62
N LEU C 45 -15.98 -5.80 6.54
CA LEU C 45 -17.28 -6.43 6.42
C LEU C 45 -17.15 -7.87 5.93
N ALA C 46 -16.14 -8.15 5.09
CA ALA C 46 -15.89 -9.48 4.53
C ALA C 46 -15.67 -10.53 5.62
N LYS C 47 -15.03 -10.15 6.74
CA LYS C 47 -14.72 -11.08 7.81
C LYS C 47 -15.96 -11.42 8.65
N LEU C 48 -17.06 -10.66 8.53
CA LEU C 48 -18.23 -10.86 9.40
C LEU C 48 -18.98 -12.14 9.03
N ALA C 49 -19.64 -12.70 10.02
CA ALA C 49 -20.54 -13.81 9.87
C ALA C 49 -21.96 -13.23 9.68
N PHE C 50 -22.69 -13.71 8.66
CA PHE C 50 -24.04 -13.24 8.38
C PHE C 50 -25.07 -14.29 8.77
N LYS C 51 -26.23 -13.84 9.26
CA LYS C 51 -27.37 -14.71 9.55
C LYS C 51 -28.37 -14.52 8.43
N ARG C 52 -28.78 -15.62 7.79
CA ARG C 52 -29.76 -15.60 6.71
C ARG C 52 -31.18 -15.76 7.26
N SER C 53 -32.11 -14.90 6.84
CA SER C 53 -33.50 -15.00 7.21
C SER C 53 -34.12 -16.24 6.56
N SER C 54 -34.89 -17.00 7.35
CA SER C 54 -35.56 -18.20 6.88
C SER C 54 -36.90 -17.89 6.20
N LYS C 55 -37.37 -16.64 6.20
CA LYS C 55 -38.55 -16.19 5.45
C LYS C 55 -38.21 -15.23 4.32
N TYR C 56 -37.26 -14.30 4.51
CA TYR C 56 -37.01 -13.18 3.59
C TYR C 56 -35.65 -13.37 2.90
N ASP C 57 -35.50 -12.70 1.74
CA ASP C 57 -34.31 -12.85 0.90
C ASP C 57 -33.27 -11.86 1.43
N LEU C 58 -32.72 -12.17 2.62
CA LEU C 58 -31.97 -11.18 3.36
C LEU C 58 -31.00 -11.87 4.29
N GLU C 59 -29.83 -11.28 4.45
CA GLU C 59 -28.93 -11.72 5.49
C GLU C 59 -28.28 -10.50 6.13
N CYS C 60 -27.95 -10.65 7.41
CA CYS C 60 -27.58 -9.55 8.29
C CYS C 60 -26.44 -9.99 9.21
N ALA C 61 -25.51 -9.07 9.44
CA ALA C 61 -24.46 -9.22 10.42
C ALA C 61 -24.50 -7.99 11.33
N GLN C 62 -24.05 -8.17 12.57
CA GLN C 62 -23.97 -7.08 13.51
C GLN C 62 -22.91 -6.10 13.00
N ILE C 63 -23.25 -4.82 12.94
CA ILE C 63 -22.28 -3.82 12.50
C ILE C 63 -21.09 -3.82 13.47
N PRO C 64 -19.83 -3.83 12.99
CA PRO C 64 -18.68 -3.62 13.87
C PRO C 64 -18.77 -2.28 14.56
N VAL C 65 -18.43 -2.26 15.86
CA VAL C 65 -18.61 -1.12 16.75
C VAL C 65 -17.91 0.13 16.20
N HIS C 66 -16.75 -0.06 15.56
CA HIS C 66 -15.98 1.06 15.00
C HIS C 66 -16.64 1.72 13.80
N MET C 67 -17.69 1.10 13.22
CA MET C 67 -18.40 1.64 12.05
C MET C 67 -19.81 2.13 12.38
N LYS C 68 -20.22 2.14 13.67
CA LYS C 68 -21.64 2.33 14.02
C LYS C 68 -22.19 3.66 13.49
N SER C 69 -21.38 4.73 13.58
CA SER C 69 -21.77 6.07 13.17
C SER C 69 -22.03 6.19 11.67
N ASP C 70 -21.51 5.27 10.85
CA ASP C 70 -21.77 5.25 9.42
C ASP C 70 -23.06 4.55 9.04
N ALA C 71 -23.73 3.83 9.95
CA ALA C 71 -25.02 3.23 9.62
C ALA C 71 -26.05 4.31 9.29
N SER C 72 -26.90 4.07 8.30
CA SER C 72 -27.99 4.98 8.00
C SER C 72 -29.14 4.68 8.95
N LYS C 73 -29.91 5.70 9.23
CA LYS C 73 -31.22 5.54 9.84
C LYS C 73 -32.15 4.89 8.80
N PHE C 74 -33.17 4.19 9.30
CA PHE C 74 -34.25 3.66 8.51
C PHE C 74 -35.57 4.14 9.09
N THR C 75 -36.64 4.00 8.31
CA THR C 75 -37.93 4.56 8.69
C THR C 75 -39.03 3.76 8.02
N HIS C 76 -40.18 3.68 8.70
CA HIS C 76 -41.37 3.12 8.09
C HIS C 76 -42.13 4.18 7.29
N GLU C 77 -41.77 5.47 7.44
CA GLU C 77 -42.51 6.59 6.89
C GLU C 77 -42.27 6.67 5.37
N LYS C 78 -43.32 6.29 4.62
CA LYS C 78 -43.29 6.19 3.17
C LYS C 78 -44.50 6.92 2.59
N PRO C 79 -44.61 8.27 2.72
CA PRO C 79 -45.64 9.00 1.98
C PRO C 79 -45.42 8.85 0.47
N GLU C 80 -46.53 8.90 -0.29
CA GLU C 80 -46.46 8.85 -1.74
C GLU C 80 -45.69 10.05 -2.28
N GLY C 81 -44.91 9.79 -3.34
CA GLY C 81 -44.04 10.79 -3.92
C GLY C 81 -42.76 10.15 -4.44
N TYR C 82 -41.69 10.95 -4.46
CA TYR C 82 -40.43 10.56 -5.05
C TYR C 82 -39.39 10.37 -3.93
N TYR C 83 -38.52 9.39 -4.14
CA TYR C 83 -37.45 8.97 -3.26
C TYR C 83 -36.17 8.95 -4.11
N ASN C 84 -35.03 8.69 -3.44
CA ASN C 84 -33.70 8.78 -4.03
C ASN C 84 -33.09 7.41 -4.10
N TRP C 85 -32.44 7.11 -5.25
CA TRP C 85 -31.45 6.06 -5.27
C TRP C 85 -30.37 6.40 -6.31
N HIS C 86 -29.41 5.48 -6.48
CA HIS C 86 -28.21 5.71 -7.27
C HIS C 86 -28.57 6.14 -8.70
N HIS C 87 -29.60 5.52 -9.29
CA HIS C 87 -29.98 5.81 -10.67
C HIS C 87 -30.92 7.01 -10.82
N GLY C 88 -31.28 7.73 -9.73
CA GLY C 88 -32.13 8.91 -9.81
C GLY C 88 -33.40 8.71 -8.98
N ALA C 89 -34.56 9.03 -9.56
CA ALA C 89 -35.80 9.15 -8.80
C ALA C 89 -36.51 7.80 -8.75
N VAL C 90 -37.08 7.47 -7.58
CA VAL C 90 -37.94 6.31 -7.38
C VAL C 90 -39.30 6.83 -6.96
N GLN C 91 -40.33 6.47 -7.72
CA GLN C 91 -41.66 6.87 -7.39
C GLN C 91 -42.22 5.86 -6.40
N TYR C 92 -42.90 6.33 -5.36
CA TYR C 92 -43.70 5.48 -4.49
C TYR C 92 -45.16 5.88 -4.65
N SER C 93 -45.99 4.90 -4.98
CA SER C 93 -47.38 5.13 -5.33
C SER C 93 -48.12 3.81 -5.24
N GLY C 94 -49.33 3.84 -4.66
CA GLY C 94 -50.14 2.65 -4.43
C GLY C 94 -49.40 1.49 -3.80
N GLY C 95 -48.49 1.77 -2.85
CA GLY C 95 -47.74 0.75 -2.15
C GLY C 95 -46.63 0.08 -2.98
N ARG C 96 -46.21 0.69 -4.10
CA ARG C 96 -45.19 0.11 -4.97
CA ARG C 96 -45.19 0.11 -4.97
C ARG C 96 -44.16 1.18 -5.30
N PHE C 97 -42.87 0.80 -5.22
CA PHE C 97 -41.78 1.62 -5.75
C PHE C 97 -41.55 1.29 -7.22
N THR C 98 -41.46 2.32 -8.06
CA THR C 98 -41.22 2.08 -9.47
C THR C 98 -40.17 3.04 -10.01
N ILE C 99 -39.58 2.65 -11.13
CA ILE C 99 -38.62 3.45 -11.87
C ILE C 99 -39.03 3.36 -13.35
N PRO C 100 -38.51 4.25 -14.23
CA PRO C 100 -38.67 4.11 -15.67
C PRO C 100 -38.20 2.73 -16.10
N THR C 101 -38.97 2.06 -16.97
CA THR C 101 -38.67 0.69 -17.35
C THR C 101 -37.24 0.61 -17.87
N GLY C 102 -36.49 -0.39 -17.40
CA GLY C 102 -35.10 -0.58 -17.76
C GLY C 102 -34.13 0.42 -17.16
N ALA C 103 -34.52 1.29 -16.20
CA ALA C 103 -33.56 2.17 -15.55
C ALA C 103 -32.64 1.39 -14.60
N GLY C 104 -33.10 0.23 -14.13
CA GLY C 104 -32.27 -0.70 -13.40
C GLY C 104 -31.16 -1.28 -14.26
N LYS C 105 -30.08 -1.74 -13.60
CA LYS C 105 -28.93 -2.35 -14.26
C LYS C 105 -28.56 -3.61 -13.49
N PRO C 106 -27.73 -4.51 -14.08
CA PRO C 106 -27.20 -5.66 -13.34
C PRO C 106 -26.44 -5.18 -12.10
N GLY C 107 -26.67 -5.89 -10.97
CA GLY C 107 -26.02 -5.59 -9.71
C GLY C 107 -26.64 -4.48 -8.86
N ASP C 108 -27.92 -4.14 -9.08
CA ASP C 108 -28.64 -3.17 -8.26
C ASP C 108 -29.18 -3.82 -7.00
N SER C 109 -29.23 -5.17 -6.89
CA SER C 109 -29.68 -5.82 -5.68
C SER C 109 -28.90 -5.31 -4.47
N GLY C 110 -29.65 -4.82 -3.47
CA GLY C 110 -29.10 -4.38 -2.21
C GLY C 110 -28.89 -2.88 -2.14
N ARG C 111 -29.07 -2.16 -3.27
CA ARG C 111 -29.09 -0.70 -3.23
C ARG C 111 -30.29 -0.22 -2.41
N PRO C 112 -30.04 0.72 -1.48
CA PRO C 112 -31.12 1.31 -0.71
C PRO C 112 -31.78 2.47 -1.44
N ILE C 113 -33.00 2.70 -1.01
CA ILE C 113 -33.80 3.83 -1.43
C ILE C 113 -33.94 4.73 -0.22
N PHE C 114 -33.71 6.02 -0.43
CA PHE C 114 -33.65 7.00 0.62
C PHE C 114 -34.70 8.07 0.43
N ASP C 115 -35.17 8.64 1.55
CA ASP C 115 -35.87 9.92 1.53
C ASP C 115 -34.86 11.06 1.51
N ASN C 116 -35.37 12.31 1.45
CA ASN C 116 -34.53 13.50 1.38
C ASN C 116 -33.82 13.81 2.70
N LYS C 117 -34.22 13.21 3.83
CA LYS C 117 -33.45 13.29 5.07
C LYS C 117 -32.32 12.27 5.10
N GLY C 118 -32.26 11.36 4.13
CA GLY C 118 -31.22 10.36 4.05
C GLY C 118 -31.57 9.13 4.87
N ARG C 119 -32.84 8.92 5.16
CA ARG C 119 -33.25 7.69 5.82
C ARG C 119 -33.59 6.65 4.77
N VAL C 120 -33.23 5.41 5.05
CA VAL C 120 -33.52 4.31 4.18
C VAL C 120 -34.99 3.94 4.35
N VAL C 121 -35.72 3.86 3.24
CA VAL C 121 -37.14 3.47 3.24
C VAL C 121 -37.31 2.05 2.68
N ALA C 122 -36.35 1.56 1.89
CA ALA C 122 -36.41 0.22 1.35
C ALA C 122 -35.02 -0.20 0.86
N ILE C 123 -34.85 -1.51 0.71
CA ILE C 123 -33.69 -2.08 0.04
C ILE C 123 -34.24 -2.83 -1.18
N VAL C 124 -33.60 -2.64 -2.35
CA VAL C 124 -33.99 -3.29 -3.59
C VAL C 124 -33.52 -4.75 -3.59
N LEU C 125 -34.43 -5.67 -3.87
CA LEU C 125 -34.12 -7.05 -4.12
C LEU C 125 -34.17 -7.36 -5.62
N GLY C 126 -35.05 -6.72 -6.37
CA GLY C 126 -35.32 -7.13 -7.74
C GLY C 126 -36.33 -6.24 -8.43
N GLY C 127 -36.85 -6.69 -9.57
CA GLY C 127 -37.84 -5.90 -10.27
C GLY C 127 -38.56 -6.69 -11.37
N ALA C 128 -39.73 -6.19 -11.77
CA ALA C 128 -40.47 -6.71 -12.89
C ALA C 128 -41.01 -5.55 -13.71
N ASN C 129 -40.96 -5.68 -15.04
CA ASN C 129 -41.48 -4.64 -15.91
C ASN C 129 -43.00 -4.71 -15.91
N GLU C 130 -43.64 -3.54 -15.79
CA GLU C 130 -45.09 -3.42 -15.76
C GLU C 130 -45.40 -2.07 -16.39
N GLY C 131 -46.10 -2.11 -17.54
CA GLY C 131 -46.45 -0.89 -18.24
C GLY C 131 -45.18 -0.20 -18.71
N THR C 132 -45.07 1.11 -18.46
CA THR C 132 -43.86 1.83 -18.86
C THR C 132 -42.83 1.88 -17.72
N ARG C 133 -43.00 1.05 -16.68
CA ARG C 133 -42.19 1.13 -15.46
C ARG C 133 -41.61 -0.24 -15.11
N THR C 134 -40.53 -0.24 -14.31
CA THR C 134 -40.15 -1.39 -13.51
C THR C 134 -40.72 -1.20 -12.10
N ALA C 135 -41.42 -2.22 -11.61
CA ALA C 135 -41.85 -2.28 -10.23
C ALA C 135 -40.75 -3.00 -9.46
N LEU C 136 -40.15 -2.31 -8.47
CA LEU C 136 -39.11 -2.88 -7.66
C LEU C 136 -39.71 -3.85 -6.64
N SER C 137 -39.10 -5.03 -6.56
CA SER C 137 -39.20 -5.89 -5.40
C SER C 137 -38.26 -5.36 -4.31
N VAL C 138 -38.79 -5.06 -3.12
CA VAL C 138 -38.05 -4.47 -2.02
C VAL C 138 -38.29 -5.23 -0.71
N VAL C 139 -37.41 -4.96 0.27
CA VAL C 139 -37.73 -5.12 1.67
C VAL C 139 -37.89 -3.72 2.24
N THR C 140 -38.84 -3.60 3.16
CA THR C 140 -39.24 -2.32 3.71
C THR C 140 -39.65 -2.54 5.16
N TRP C 141 -39.91 -1.43 5.85
CA TRP C 141 -40.38 -1.43 7.24
C TRP C 141 -41.78 -0.84 7.26
N ASN C 142 -42.77 -1.61 7.72
CA ASN C 142 -44.13 -1.11 7.85
C ASN C 142 -44.49 -1.05 9.31
N LYS C 143 -45.37 -0.08 9.64
CA LYS C 143 -45.88 0.11 11.00
C LYS C 143 -46.67 -1.13 11.41
N ASP C 144 -46.48 -1.62 12.65
CA ASP C 144 -47.17 -2.82 13.11
C ASP C 144 -48.62 -2.45 13.50
N ILE C 145 -49.41 -3.49 13.86
CA ILE C 145 -50.80 -3.40 14.30
C ILE C 145 -50.81 -2.60 15.61
N VAL C 146 -51.91 -1.86 15.85
CA VAL C 146 -52.12 -1.09 17.08
C VAL C 146 -52.07 -1.98 18.33
N THR C 147 -52.42 -3.27 18.24
CA THR C 147 -52.41 -4.16 19.39
C THR C 147 -51.00 -4.61 19.81
N LYS C 148 -49.99 -4.51 18.93
CA LYS C 148 -48.63 -4.95 19.26
C LYS C 148 -47.86 -3.77 19.90
N ILE C 149 -48.17 -3.56 21.19
CA ILE C 149 -47.59 -2.52 22.03
C ILE C 149 -46.38 -3.06 22.81
N THR C 150 -45.76 -2.19 23.59
CA THR C 150 -44.83 -2.54 24.67
C THR C 150 -45.23 -1.79 25.94
N PRO C 151 -45.23 -2.43 27.13
CA PRO C 151 -45.46 -1.73 28.39
C PRO C 151 -44.18 -1.00 28.82
N GLU C 152 -44.36 0.18 29.43
CA GLU C 152 -43.34 0.86 30.22
C GLU C 152 -43.81 0.98 31.66
N GLY C 153 -42.93 0.66 32.63
CA GLY C 153 -43.27 0.54 34.03
C GLY C 153 -44.07 -0.72 34.33
N GLU D 6 23.45 5.70 -5.76
CA GLU D 6 24.39 5.84 -4.63
C GLU D 6 24.49 4.50 -3.90
N ASN D 7 23.35 4.11 -3.32
CA ASN D 7 23.19 2.93 -2.46
C ASN D 7 21.88 2.25 -2.87
N ASP D 8 21.65 2.16 -4.20
CA ASP D 8 20.63 1.29 -4.79
C ASP D 8 21.15 -0.14 -4.84
N CYS D 9 22.39 -0.35 -4.39
CA CYS D 9 23.03 -1.64 -4.41
C CYS D 9 23.27 -2.18 -2.99
N ILE D 10 22.80 -1.53 -1.92
CA ILE D 10 23.03 -1.98 -0.55
C ILE D 10 21.67 -2.23 0.10
N PHE D 11 21.45 -3.41 0.69
CA PHE D 11 20.15 -3.80 1.22
C PHE D 11 20.28 -4.33 2.64
N GLU D 12 19.38 -3.87 3.54
CA GLU D 12 19.42 -4.22 4.95
C GLU D 12 19.11 -5.70 5.14
N VAL D 13 19.80 -6.34 6.07
CA VAL D 13 19.43 -7.65 6.59
C VAL D 13 18.89 -7.43 7.99
N ARG D 14 17.81 -8.14 8.34
CA ARG D 14 17.13 -7.94 9.61
CA ARG D 14 17.11 -7.94 9.60
C ARG D 14 16.86 -9.28 10.30
N HIS D 15 17.02 -9.29 11.61
CA HIS D 15 16.68 -10.40 12.49
C HIS D 15 16.04 -9.80 13.73
N GLU D 16 14.86 -10.31 14.12
CA GLU D 16 14.13 -9.86 15.30
C GLU D 16 13.96 -8.33 15.26
N GLY D 17 13.62 -7.79 14.08
CA GLY D 17 13.34 -6.36 13.94
C GLY D 17 14.56 -5.45 13.99
N LYS D 18 15.78 -5.99 13.99
CA LYS D 18 17.00 -5.22 14.11
C LYS D 18 17.83 -5.44 12.86
N VAL D 19 18.45 -4.37 12.32
CA VAL D 19 19.40 -4.47 11.24
C VAL D 19 20.68 -5.14 11.76
N THR D 20 20.99 -6.34 11.27
CA THR D 20 22.19 -7.08 11.64
C THR D 20 23.35 -6.88 10.66
N GLY D 21 23.10 -6.24 9.51
CA GLY D 21 24.06 -6.22 8.43
C GLY D 21 23.42 -5.81 7.10
N TYR D 22 24.23 -5.93 6.04
CA TYR D 22 23.89 -5.49 4.70
C TYR D 22 24.24 -6.56 3.68
N ALA D 23 23.40 -6.64 2.66
CA ALA D 23 23.71 -7.30 1.41
C ALA D 23 24.00 -6.22 0.37
N CYS D 24 24.80 -6.62 -0.63
CA CYS D 24 25.37 -5.72 -1.62
CA CYS D 24 25.22 -5.67 -1.64
C CYS D 24 25.23 -6.34 -3.02
N LEU D 25 24.81 -5.55 -4.02
CA LEU D 25 24.80 -5.98 -5.41
C LEU D 25 26.13 -5.60 -6.03
N VAL D 26 26.91 -6.58 -6.43
CA VAL D 26 28.23 -6.32 -6.98
C VAL D 26 28.53 -7.35 -8.07
N GLY D 27 29.01 -6.89 -9.22
CA GLY D 27 29.20 -7.76 -10.38
C GLY D 27 27.83 -8.26 -10.85
N ASP D 28 27.65 -9.59 -10.79
CA ASP D 28 26.39 -10.24 -11.12
C ASP D 28 25.82 -11.00 -9.91
N LYS D 29 26.24 -10.62 -8.69
CA LYS D 29 25.89 -11.33 -7.48
C LYS D 29 25.29 -10.38 -6.45
N VAL D 30 24.38 -10.94 -5.64
CA VAL D 30 23.99 -10.35 -4.38
C VAL D 30 24.90 -10.99 -3.33
N MET D 31 25.70 -10.17 -2.65
CA MET D 31 26.67 -10.71 -1.70
C MET D 31 26.31 -10.28 -0.27
N LYS D 32 26.55 -11.18 0.67
CA LYS D 32 26.20 -10.97 2.06
C LYS D 32 27.21 -11.75 2.89
N PRO D 33 27.76 -11.23 4.01
CA PRO D 33 28.55 -12.06 4.91
C PRO D 33 27.71 -13.20 5.47
N ALA D 34 28.28 -14.41 5.54
CA ALA D 34 27.55 -15.58 6.02
C ALA D 34 27.19 -15.49 7.50
N HIS D 35 27.98 -14.76 8.32
CA HIS D 35 27.74 -14.67 9.75
C HIS D 35 26.53 -13.77 10.08
N VAL D 36 26.10 -12.91 9.14
CA VAL D 36 25.00 -11.98 9.39
C VAL D 36 23.68 -12.75 9.43
N LYS D 37 23.04 -12.80 10.60
CA LYS D 37 21.79 -13.50 10.82
C LYS D 37 20.63 -12.68 10.25
N GLY D 38 19.60 -13.41 9.83
CA GLY D 38 18.35 -12.80 9.39
C GLY D 38 18.20 -12.86 7.87
N THR D 39 17.26 -12.07 7.36
CA THR D 39 16.90 -12.10 5.94
C THR D 39 16.86 -10.67 5.44
N ILE D 40 17.08 -10.54 4.15
CA ILE D 40 17.05 -9.26 3.46
C ILE D 40 15.60 -8.79 3.45
N ASP D 41 15.37 -7.51 3.70
CA ASP D 41 14.01 -6.97 3.81
C ASP D 41 13.34 -6.91 2.46
N ASN D 42 14.03 -6.34 1.47
CA ASN D 42 13.56 -6.24 0.10
C ASN D 42 13.08 -7.61 -0.42
N ALA D 43 11.82 -7.62 -0.85
CA ALA D 43 11.11 -8.85 -1.19
C ALA D 43 11.78 -9.57 -2.37
N ASP D 44 12.33 -8.84 -3.35
CA ASP D 44 12.99 -9.43 -4.50
C ASP D 44 14.20 -10.25 -4.04
N LEU D 45 15.00 -9.69 -3.12
CA LEU D 45 16.23 -10.35 -2.71
C LEU D 45 15.96 -11.44 -1.68
N ALA D 46 14.96 -11.24 -0.82
CA ALA D 46 14.58 -12.19 0.23
C ALA D 46 14.20 -13.56 -0.35
N LYS D 47 13.58 -13.58 -1.55
CA LYS D 47 13.12 -14.83 -2.14
C LYS D 47 14.29 -15.65 -2.71
N LEU D 48 15.48 -15.04 -2.89
CA LEU D 48 16.59 -15.71 -3.58
C LEU D 48 17.18 -16.81 -2.70
N ALA D 49 17.76 -17.79 -3.36
CA ALA D 49 18.51 -18.84 -2.74
C ALA D 49 19.99 -18.40 -2.74
N PHE D 50 20.67 -18.48 -1.59
CA PHE D 50 22.07 -18.10 -1.48
C PHE D 50 22.95 -19.33 -1.36
N LYS D 51 24.14 -19.27 -1.99
CA LYS D 51 25.17 -20.30 -1.88
C LYS D 51 26.22 -19.77 -0.90
N ARG D 52 26.55 -20.55 0.13
CA ARG D 52 27.55 -20.20 1.12
C ARG D 52 28.93 -20.73 0.72
N SER D 53 29.95 -19.87 0.79
CA SER D 53 31.32 -20.28 0.51
C SER D 53 31.82 -21.20 1.62
N SER D 54 32.48 -22.31 1.20
CA SER D 54 33.04 -23.27 2.16
C SER D 54 34.42 -22.85 2.67
N LYS D 55 35.02 -21.77 2.14
CA LYS D 55 36.27 -21.20 2.65
C LYS D 55 36.06 -19.83 3.31
N TYR D 56 35.20 -18.96 2.77
CA TYR D 56 35.09 -17.55 3.16
C TYR D 56 33.74 -17.31 3.85
N ASP D 57 33.67 -16.21 4.62
CA ASP D 57 32.51 -15.84 5.39
C ASP D 57 31.59 -15.03 4.46
N LEU D 58 31.00 -15.72 3.49
CA LEU D 58 30.34 -15.06 2.38
C LEU D 58 29.27 -15.96 1.80
N GLU D 59 28.16 -15.37 1.40
CA GLU D 59 27.19 -16.09 0.61
C GLU D 59 26.67 -15.18 -0.48
N CYS D 60 26.27 -15.81 -1.60
CA CYS D 60 26.00 -15.14 -2.85
C CYS D 60 24.78 -15.78 -3.53
N ALA D 61 23.96 -14.94 -4.14
CA ALA D 61 22.88 -15.34 -5.02
C ALA D 61 23.07 -14.62 -6.35
N GLN D 62 22.58 -15.23 -7.43
CA GLN D 62 22.59 -14.61 -8.75
C GLN D 62 21.67 -13.39 -8.71
N ILE D 63 22.17 -12.23 -9.19
CA ILE D 63 21.33 -11.03 -9.26
C ILE D 63 20.12 -11.34 -10.16
N PRO D 64 18.87 -11.00 -9.75
CA PRO D 64 17.74 -11.02 -10.67
C PRO D 64 18.00 -10.11 -11.87
N VAL D 65 17.58 -10.58 -13.05
CA VAL D 65 17.86 -9.94 -14.33
C VAL D 65 17.33 -8.49 -14.35
N HIS D 66 16.19 -8.26 -13.67
CA HIS D 66 15.58 -6.94 -13.63
C HIS D 66 16.36 -5.94 -12.77
N MET D 67 17.33 -6.40 -11.97
CA MET D 67 18.12 -5.56 -11.07
C MET D 67 19.57 -5.40 -11.53
N LYS D 68 19.95 -5.99 -12.69
CA LYS D 68 21.36 -6.11 -13.06
C LYS D 68 22.04 -4.73 -13.12
N SER D 69 21.33 -3.72 -13.67
CA SER D 69 21.86 -2.38 -13.88
C SER D 69 22.18 -1.64 -12.58
N ASP D 70 21.59 -2.07 -11.45
CA ASP D 70 21.88 -1.51 -10.14
C ASP D 70 23.12 -2.11 -9.48
N ALA D 71 23.70 -3.20 -9.99
CA ALA D 71 24.89 -3.78 -9.39
C ALA D 71 26.06 -2.78 -9.51
N SER D 72 26.90 -2.70 -8.48
CA SER D 72 28.13 -1.94 -8.57
C SER D 72 29.19 -2.73 -9.35
N LYS D 73 30.05 -1.99 -10.04
CA LYS D 73 31.33 -2.52 -10.47
C LYS D 73 32.21 -2.74 -9.23
N PHE D 74 33.15 -3.67 -9.36
CA PHE D 74 34.17 -3.97 -8.38
C PHE D 74 35.52 -3.95 -9.08
N THR D 75 36.59 -3.87 -8.27
CA THR D 75 37.92 -3.69 -8.81
C THR D 75 38.94 -4.25 -7.84
N HIS D 76 40.06 -4.73 -8.40
CA HIS D 76 41.20 -5.11 -7.57
C HIS D 76 42.09 -3.90 -7.27
N GLU D 77 41.88 -2.77 -7.94
CA GLU D 77 42.73 -1.60 -7.87
C GLU D 77 42.51 -0.88 -6.53
N LYS D 78 43.52 -1.02 -5.65
CA LYS D 78 43.53 -0.51 -4.29
C LYS D 78 44.82 0.26 -4.04
N PRO D 79 45.11 1.39 -4.73
CA PRO D 79 46.24 2.24 -4.32
C PRO D 79 46.04 2.79 -2.91
N GLU D 80 47.16 3.03 -2.20
CA GLU D 80 47.12 3.59 -0.87
C GLU D 80 46.52 4.98 -0.89
N GLY D 81 45.75 5.29 0.18
CA GLY D 81 44.96 6.49 0.24
C GLY D 81 43.63 6.26 0.94
N TYR D 82 42.64 7.10 0.59
CA TYR D 82 41.35 7.12 1.27
C TYR D 82 40.29 6.62 0.30
N TYR D 83 39.31 5.90 0.89
CA TYR D 83 38.18 5.29 0.23
C TYR D 83 36.93 5.75 0.98
N ASN D 84 35.76 5.38 0.46
CA ASN D 84 34.46 5.87 0.90
C ASN D 84 33.68 4.72 1.52
N TRP D 85 33.05 4.98 2.67
CA TRP D 85 31.94 4.15 3.11
C TRP D 85 30.93 5.00 3.87
N HIS D 86 29.87 4.34 4.38
CA HIS D 86 28.73 5.00 4.99
C HIS D 86 29.16 5.93 6.12
N HIS D 87 30.14 5.51 6.94
CA HIS D 87 30.58 6.29 8.08
C HIS D 87 31.68 7.31 7.75
N GLY D 88 32.05 7.52 6.48
CA GLY D 88 33.04 8.51 6.08
C GLY D 88 34.25 7.87 5.41
N ALA D 89 35.45 8.28 5.82
CA ALA D 89 36.68 7.91 5.12
C ALA D 89 37.24 6.60 5.68
N VAL D 90 37.76 5.74 4.79
CA VAL D 90 38.47 4.53 5.13
C VAL D 90 39.88 4.66 4.53
N GLN D 91 40.88 4.56 5.41
CA GLN D 91 42.25 4.63 4.96
C GLN D 91 42.67 3.24 4.50
N TYR D 92 43.38 3.17 3.36
CA TYR D 92 44.07 1.96 2.96
C TYR D 92 45.57 2.23 2.95
N SER D 93 46.29 1.40 3.71
CA SER D 93 47.72 1.58 3.92
CA SER D 93 47.73 1.58 3.92
C SER D 93 48.30 0.26 4.43
N GLY D 94 49.49 -0.10 3.91
CA GLY D 94 50.15 -1.35 4.25
C GLY D 94 49.25 -2.58 4.11
N GLY D 95 48.37 -2.60 3.11
CA GLY D 95 47.49 -3.72 2.84
C GLY D 95 46.34 -3.88 3.84
N ARG D 96 46.02 -2.81 4.60
CA ARG D 96 44.97 -2.87 5.61
CA ARG D 96 45.02 -2.85 5.66
C ARG D 96 44.07 -1.66 5.46
N PHE D 97 42.73 -1.90 5.50
CA PHE D 97 41.76 -0.81 5.62
C PHE D 97 41.56 -0.46 7.10
N THR D 98 41.61 0.82 7.46
CA THR D 98 41.37 1.21 8.83
C THR D 98 40.42 2.41 8.89
N ILE D 99 39.80 2.57 10.04
CA ILE D 99 38.96 3.71 10.37
C ILE D 99 39.37 4.19 11.76
N PRO D 100 38.95 5.41 12.18
CA PRO D 100 39.12 5.87 13.55
C PRO D 100 38.56 4.84 14.51
N THR D 101 39.27 4.54 15.60
CA THR D 101 38.84 3.48 16.52
C THR D 101 37.42 3.77 16.99
N GLY D 102 36.58 2.72 16.96
CA GLY D 102 35.17 2.81 17.30
C GLY D 102 34.29 3.60 16.34
N ALA D 103 34.76 3.98 15.13
CA ALA D 103 33.89 4.67 14.17
C ALA D 103 32.86 3.72 13.58
N GLY D 104 33.16 2.41 13.58
CA GLY D 104 32.19 1.37 13.28
C GLY D 104 31.05 1.34 14.29
N LYS D 105 29.91 0.79 13.86
CA LYS D 105 28.72 0.63 14.70
C LYS D 105 28.22 -0.79 14.53
N PRO D 106 27.34 -1.29 15.44
CA PRO D 106 26.71 -2.60 15.24
C PRO D 106 25.95 -2.62 13.91
N GLY D 107 26.08 -3.76 13.18
CA GLY D 107 25.41 -3.97 11.91
C GLY D 107 26.14 -3.40 10.69
N ASP D 108 27.44 -3.13 10.75
CA ASP D 108 28.22 -2.67 9.61
C ASP D 108 28.66 -3.82 8.72
N SER D 109 28.58 -5.08 9.18
CA SER D 109 28.91 -6.23 8.36
C SER D 109 28.15 -6.18 7.05
N GLY D 110 28.91 -6.25 5.95
CA GLY D 110 28.36 -6.30 4.61
C GLY D 110 28.38 -4.96 3.91
N ARG D 111 28.65 -3.86 4.63
CA ARG D 111 28.82 -2.57 3.99
C ARG D 111 30.05 -2.60 3.08
N PRO D 112 29.89 -2.11 1.83
CA PRO D 112 31.01 -2.00 0.92
C PRO D 112 31.81 -0.73 1.14
N ILE D 113 33.04 -0.82 0.68
CA ILE D 113 33.96 0.30 0.61
C ILE D 113 34.16 0.60 -0.86
N PHE D 114 34.07 1.89 -1.22
CA PHE D 114 34.10 2.33 -2.59
C PHE D 114 35.26 3.27 -2.84
N ASP D 115 35.77 3.27 -4.08
CA ASP D 115 36.59 4.37 -4.57
C ASP D 115 35.71 5.51 -5.04
N ASN D 116 36.37 6.61 -5.48
CA ASN D 116 35.69 7.80 -5.93
C ASN D 116 34.94 7.62 -7.25
N LYS D 117 35.24 6.57 -8.04
CA LYS D 117 34.49 6.23 -9.23
CA LYS D 117 34.49 6.22 -9.23
C LYS D 117 33.25 5.39 -8.87
N GLY D 118 33.12 4.96 -7.61
CA GLY D 118 31.98 4.21 -7.17
C GLY D 118 32.17 2.71 -7.39
N ARG D 119 33.42 2.27 -7.54
CA ARG D 119 33.68 0.85 -7.64
C ARG D 119 33.93 0.31 -6.24
N VAL D 120 33.42 -0.88 -6.00
CA VAL D 120 33.60 -1.55 -4.72
C VAL D 120 35.02 -2.11 -4.68
N VAL D 121 35.77 -1.79 -3.63
CA VAL D 121 37.12 -2.32 -3.43
C VAL D 121 37.15 -3.39 -2.34
N ALA D 122 36.14 -3.38 -1.44
CA ALA D 122 36.10 -4.37 -0.37
C ALA D 122 34.69 -4.40 0.21
N ILE D 123 34.38 -5.51 0.89
CA ILE D 123 33.18 -5.62 1.69
C ILE D 123 33.65 -5.88 3.12
N VAL D 124 33.07 -5.16 4.10
CA VAL D 124 33.42 -5.28 5.50
C VAL D 124 32.78 -6.53 6.09
N LEU D 125 33.59 -7.34 6.76
CA LEU D 125 33.12 -8.45 7.55
C LEU D 125 33.17 -8.13 9.04
N GLY D 126 34.16 -7.35 9.48
CA GLY D 126 34.41 -7.18 10.91
C GLY D 126 35.50 -6.18 11.18
N GLY D 127 36.07 -6.22 12.39
CA GLY D 127 37.12 -5.30 12.74
C GLY D 127 37.79 -5.64 14.07
N ALA D 128 39.00 -5.12 14.27
CA ALA D 128 39.73 -5.25 15.51
C ALA D 128 40.41 -3.91 15.80
N ASN D 129 40.40 -3.51 17.08
CA ASN D 129 41.04 -2.26 17.47
C ASN D 129 42.54 -2.48 17.51
N GLU D 130 43.28 -1.53 16.94
CA GLU D 130 44.73 -1.59 16.84
C GLU D 130 45.23 -0.14 16.89
N GLY D 131 45.94 0.19 17.97
CA GLY D 131 46.43 1.54 18.15
C GLY D 131 45.26 2.49 18.29
N THR D 132 45.27 3.60 17.54
CA THR D 132 44.19 4.56 17.56
C THR D 132 43.13 4.27 16.47
N ARG D 133 43.16 3.06 15.87
CA ARG D 133 42.34 2.73 14.71
C ARG D 133 41.61 1.41 14.94
N THR D 134 40.53 1.20 14.18
CA THR D 134 40.00 -0.14 13.92
C THR D 134 40.54 -0.60 12.57
N ALA D 135 41.12 -1.81 12.56
CA ALA D 135 41.51 -2.47 11.33
C ALA D 135 40.34 -3.32 10.89
N LEU D 136 39.79 -3.02 9.71
CA LEU D 136 38.64 -3.75 9.17
C LEU D 136 39.10 -5.10 8.64
N SER D 137 38.36 -6.12 9.03
CA SER D 137 38.36 -7.41 8.38
C SER D 137 37.44 -7.32 7.14
N VAL D 138 37.96 -7.61 5.95
CA VAL D 138 37.25 -7.41 4.69
C VAL D 138 37.40 -8.66 3.80
N VAL D 139 36.55 -8.72 2.76
CA VAL D 139 36.83 -9.45 1.54
C VAL D 139 37.18 -8.43 0.47
N THR D 140 38.14 -8.83 -0.38
CA THR D 140 38.63 -7.98 -1.45
C THR D 140 38.90 -8.86 -2.67
N TRP D 141 39.25 -8.17 -3.78
CA TRP D 141 39.67 -8.79 -5.02
C TRP D 141 41.13 -8.44 -5.25
N ASN D 142 41.98 -9.47 -5.40
CA ASN D 142 43.42 -9.27 -5.45
C ASN D 142 43.96 -9.42 -6.86
N LYS D 143 43.61 -10.53 -7.56
N LYS D 143 43.58 -10.49 -7.59
CA LYS D 143 44.17 -10.80 -8.88
CA LYS D 143 44.13 -10.74 -8.92
C LYS D 143 43.25 -11.76 -9.68
C LYS D 143 43.23 -11.73 -9.68
N ASP D 144 43.62 -11.99 -10.94
CA ASP D 144 42.76 -12.55 -11.99
C ASP D 144 43.45 -13.75 -12.64
N ILE D 145 43.04 -14.16 -13.87
CA ILE D 145 43.27 -15.52 -14.38
C ILE D 145 43.90 -15.55 -15.79
N VAL D 146 45.04 -16.28 -15.95
CA VAL D 146 45.70 -16.46 -17.24
C VAL D 146 44.82 -17.26 -18.19
N THR D 147 44.63 -16.77 -19.43
CA THR D 147 43.54 -17.20 -20.29
C THR D 147 44.02 -17.28 -21.75
N LYS D 148 43.81 -18.43 -22.42
CA LYS D 148 44.17 -18.62 -23.82
C LYS D 148 43.03 -18.14 -24.74
N ILE D 149 43.25 -17.10 -25.56
CA ILE D 149 42.37 -16.81 -26.68
C ILE D 149 43.00 -17.28 -27.98
N THR D 150 42.27 -18.06 -28.79
CA THR D 150 42.69 -18.46 -30.13
C THR D 150 41.54 -18.29 -31.13
N PRO D 151 41.77 -18.07 -32.46
CA PRO D 151 40.77 -18.35 -33.48
C PRO D 151 40.83 -19.84 -33.87
C1 GOL E . -3.43 -2.48 22.71
O1 GOL E . -2.15 -2.80 22.18
C2 GOL E . -3.59 -0.99 22.86
O2 GOL E . -2.51 -0.48 23.61
C3 GOL E . -4.89 -0.60 23.53
O3 GOL E . -4.88 0.79 23.86
H11 GOL E . -3.55 -2.92 23.58
H12 GOL E . -4.12 -2.83 22.09
HO1 GOL E . -2.15 -3.63 22.04
H2 GOL E . -3.58 -0.58 21.96
HO2 GOL E . -2.86 -0.09 24.27
H31 GOL E . -5.01 -1.13 24.35
H32 GOL E . -5.64 -0.78 22.92
HO3 GOL E . -4.06 0.93 23.99
S SO4 F . 11.06 3.35 -3.11
O1 SO4 F . 10.07 4.28 -2.65
O2 SO4 F . 11.74 3.93 -4.24
O3 SO4 F . 12.04 3.09 -2.08
O4 SO4 F . 10.42 2.12 -3.48
S SO4 G . -2.84 6.95 33.93
O1 SO4 G . -2.01 8.01 34.43
O2 SO4 G . -3.62 7.45 32.82
O3 SO4 G . -2.02 5.85 33.49
O4 SO4 G . -3.72 6.49 34.97
C1 GOL H . 4.11 -10.18 -20.90
O1 GOL H . 4.29 -9.73 -22.24
C2 GOL H . 2.94 -11.13 -20.80
O2 GOL H . 1.77 -10.48 -21.30
C3 GOL H . 2.69 -11.60 -19.38
O3 GOL H . 1.35 -12.07 -19.21
H11 GOL H . 3.95 -9.41 -20.31
H12 GOL H . 4.93 -10.65 -20.60
HO1 GOL H . 5.01 -9.25 -22.23
H2 GOL H . 3.12 -11.92 -21.36
HO2 GOL H . 1.23 -10.39 -20.60
H31 GOL H . 2.85 -10.86 -18.76
H32 GOL H . 3.32 -12.33 -19.17
HO3 GOL H . 1.25 -12.77 -19.68
C1 GOL I . 3.45 -7.66 -34.34
O1 GOL I . 2.67 -6.49 -34.45
C2 GOL I . 2.58 -8.88 -34.16
O2 GOL I . 3.38 -10.06 -34.26
C3 GOL I . 1.85 -8.90 -32.83
O3 GOL I . 1.00 -10.04 -32.71
H11 GOL I . 4.06 -7.58 -33.56
H12 GOL I . 4.00 -7.77 -35.15
HO1 GOL I . 3.13 -5.98 -34.59
H2 GOL I . 1.91 -8.89 -34.88
HO2 GOL I . 3.26 -10.66 -33.58
H31 GOL I . 1.31 -8.09 -32.75
H32 GOL I . 2.50 -8.91 -32.10
HO3 GOL I . 1.49 -10.73 -32.57
S SO4 J . -10.72 5.46 1.20
O1 SO4 J . -11.56 6.40 1.92
O2 SO4 J . -9.65 6.16 0.56
O3 SO4 J . -10.16 4.49 2.11
O4 SO4 J . -11.54 4.78 0.22
C1 GOL K . -19.43 -11.87 2.72
O1 GOL K . -19.02 -10.54 2.41
C2 GOL K . -20.91 -12.05 2.53
O2 GOL K . -21.32 -11.45 1.29
C3 GOL K . -21.34 -13.50 2.61
O3 GOL K . -22.76 -13.67 2.66
H11 GOL K . -19.20 -12.05 3.64
H12 GOL K . -18.95 -12.50 2.14
HO1 GOL K . -18.10 -10.54 2.87
H2 GOL K . -21.37 -11.55 3.26
HO2 GOL K . -21.71 -11.92 0.74
H31 GOL K . -20.94 -13.92 3.38
H32 GOL K . -21.02 -13.95 1.81
HO3 GOL K . -23.01 -13.54 3.46
S SO4 L . -29.46 -7.80 -10.85
O1 SO4 L . -29.90 -6.58 -11.51
O2 SO4 L . -28.76 -8.66 -11.77
O3 SO4 L . -28.60 -7.44 -9.74
O4 SO4 L . -30.62 -8.50 -10.36
S SO4 M . -15.47 -4.10 16.22
O1 SO4 M . -14.55 -4.27 17.30
O2 SO4 M . -15.57 -2.68 15.91
O3 SO4 M . -14.98 -4.79 15.06
O4 SO4 M . -16.75 -4.64 16.63
S SO4 N . -16.55 -0.41 -1.78
O1 SO4 N . -17.94 -0.76 -1.91
O2 SO4 N . -16.06 -0.06 -3.09
O3 SO4 N . -16.40 0.70 -0.88
O4 SO4 N . -15.79 -1.52 -1.26
S SO4 O . -39.39 6.37 12.03
O1 SO4 O . -40.15 7.11 11.06
O2 SO4 O . -37.98 6.68 11.87
O3 SO4 O . -39.79 6.81 13.34
O4 SO4 O . -39.63 4.95 11.88
S SO4 P . -49.71 9.17 1.49
O1 SO4 P . -51.05 9.72 1.43
O2 SO4 P . -48.89 9.83 0.52
O3 SO4 P . -49.17 9.38 2.81
O4 SO4 P . -49.76 7.75 1.21
S SO4 Q . 28.51 -5.83 14.03
O1 SO4 Q . 27.78 -5.76 12.77
O2 SO4 Q . 29.31 -4.62 14.17
O3 SO4 Q . 27.63 -5.94 15.16
O4 SO4 Q . 29.38 -6.98 14.01
S SO4 R . 33.70 -22.27 -2.21
O1 SO4 R . 32.34 -22.57 -1.85
O2 SO4 R . 34.01 -20.89 -1.89
O3 SO4 R . 34.57 -23.14 -1.48
O4 SO4 R . 33.89 -22.48 -3.62
S SO4 S . 16.29 -1.42 2.16
O1 SO4 S . 15.65 -0.51 3.08
O2 SO4 S . 17.65 -1.64 2.59
O3 SO4 S . 15.57 -2.66 2.11
O4 SO4 S . 16.27 -0.83 0.84
S SO4 T . 14.69 -14.37 10.64
O1 SO4 T . 13.70 -15.43 10.68
O2 SO4 T . 14.55 -13.60 9.43
O3 SO4 T . 14.51 -13.46 11.76
O4 SO4 T . 15.98 -15.00 10.66
#